data_6PIP
#
_entry.id   6PIP
#
_entity_poly.entity_id   1
_entity_poly.type   'polypeptide(L)'
_entity_poly.pdbx_seq_one_letter_code
;KWCFRVCYRGICYRKCRG
;
_entity_poly.pdbx_strand_id   A
#
# COMPACT_ATOMS: atom_id res chain seq x y z
N LYS A 1 11.16 0.77 -4.47
CA LYS A 1 11.63 -0.04 -3.37
C LYS A 1 10.99 0.41 -2.08
N TRP A 2 10.04 1.32 -2.19
CA TRP A 2 9.37 1.86 -1.04
C TRP A 2 8.04 1.15 -0.89
N CYS A 3 7.81 0.58 0.24
CA CYS A 3 6.56 -0.08 0.48
C CYS A 3 5.77 0.72 1.46
N PHE A 4 4.58 1.07 1.05
CA PHE A 4 3.72 1.84 1.88
C PHE A 4 2.35 1.21 1.93
N ARG A 5 1.68 1.39 3.04
CA ARG A 5 0.39 0.83 3.25
C ARG A 5 -0.67 1.70 2.61
N VAL A 6 -1.44 1.11 1.75
CA VAL A 6 -2.49 1.80 1.08
C VAL A 6 -3.80 1.25 1.58
N CYS A 7 -4.58 2.08 2.20
CA CYS A 7 -5.89 1.69 2.62
C CYS A 7 -6.91 2.41 1.77
N TYR A 8 -7.68 1.65 1.07
CA TYR A 8 -8.69 2.16 0.18
C TYR A 8 -10.00 1.46 0.47
N ARG A 9 -10.94 2.20 1.05
CA ARG A 9 -12.28 1.70 1.38
C ARG A 9 -12.22 0.57 2.40
N GLY A 10 -11.16 0.52 3.18
CA GLY A 10 -10.99 -0.53 4.16
C GLY A 10 -10.06 -1.61 3.67
N ILE A 11 -9.79 -1.59 2.40
CA ILE A 11 -8.90 -2.55 1.78
C ILE A 11 -7.49 -2.02 1.91
N CYS A 12 -6.72 -2.63 2.77
CA CYS A 12 -5.37 -2.20 3.00
C CYS A 12 -4.39 -3.16 2.38
N TYR A 13 -3.49 -2.64 1.58
CA TYR A 13 -2.50 -3.46 0.95
C TYR A 13 -1.15 -2.78 0.94
N ARG A 14 -0.12 -3.58 1.03
CA ARG A 14 1.24 -3.10 1.01
C ARG A 14 1.65 -2.90 -0.42
N LYS A 15 1.58 -1.69 -0.86
CA LYS A 15 1.97 -1.36 -2.20
C LYS A 15 3.43 -0.95 -2.19
N CYS A 16 4.18 -1.57 -3.02
CA CYS A 16 5.58 -1.28 -3.12
C CYS A 16 5.89 -0.57 -4.42
N ARG A 17 6.25 0.68 -4.30
CA ARG A 17 6.53 1.53 -5.43
C ARG A 17 8.02 1.75 -5.48
N GLY A 18 8.66 1.15 -6.45
CA GLY A 18 10.10 1.21 -6.55
C GLY A 18 10.69 0.25 -5.56
N LYS A 1 10.99 0.93 -4.61
CA LYS A 1 11.52 0.05 -3.60
C LYS A 1 11.00 0.47 -2.24
N TRP A 2 9.97 1.27 -2.24
CA TRP A 2 9.37 1.72 -1.01
C TRP A 2 8.04 1.00 -0.85
N CYS A 3 7.88 0.32 0.23
CA CYS A 3 6.64 -0.37 0.49
C CYS A 3 5.91 0.34 1.60
N PHE A 4 4.70 0.70 1.34
CA PHE A 4 3.92 1.45 2.28
C PHE A 4 2.49 0.93 2.33
N ARG A 5 1.76 1.41 3.28
CA ARG A 5 0.40 0.99 3.49
C ARG A 5 -0.56 1.88 2.73
N VAL A 6 -1.35 1.26 1.91
CA VAL A 6 -2.37 1.93 1.15
C VAL A 6 -3.70 1.32 1.52
N CYS A 7 -4.60 2.13 1.98
CA CYS A 7 -5.90 1.65 2.31
C CYS A 7 -6.90 2.20 1.33
N TYR A 8 -7.55 1.31 0.63
CA TYR A 8 -8.54 1.66 -0.34
C TYR A 8 -9.88 1.09 0.08
N ARG A 9 -10.77 1.98 0.53
CA ARG A 9 -12.13 1.62 0.97
C ARG A 9 -12.08 0.70 2.19
N GLY A 10 -11.02 0.78 2.95
CA GLY A 10 -10.85 -0.05 4.10
C GLY A 10 -9.94 -1.23 3.83
N ILE A 11 -9.64 -1.44 2.58
CA ILE A 11 -8.80 -2.52 2.16
C ILE A 11 -7.36 -2.02 2.16
N CYS A 12 -6.62 -2.41 3.14
CA CYS A 12 -5.25 -1.99 3.24
C CYS A 12 -4.36 -3.06 2.65
N TYR A 13 -3.47 -2.66 1.78
CA TYR A 13 -2.56 -3.56 1.14
C TYR A 13 -1.18 -2.96 1.10
N ARG A 14 -0.21 -3.82 0.93
CA ARG A 14 1.16 -3.43 0.82
C ARG A 14 1.47 -3.03 -0.61
N LYS A 15 1.52 -1.76 -0.84
CA LYS A 15 1.86 -1.27 -2.14
C LYS A 15 3.33 -0.90 -2.14
N CYS A 16 4.03 -1.44 -3.06
CA CYS A 16 5.43 -1.17 -3.18
C CYS A 16 5.67 -0.35 -4.43
N ARG A 17 6.06 0.87 -4.20
CA ARG A 17 6.31 1.82 -5.26
C ARG A 17 7.79 1.95 -5.36
N GLY A 18 8.35 1.49 -6.45
CA GLY A 18 9.77 1.48 -6.59
C GLY A 18 10.35 0.47 -5.64
N LYS A 1 11.27 0.72 -4.63
CA LYS A 1 11.85 -0.11 -3.59
C LYS A 1 11.19 0.19 -2.24
N TRP A 2 10.24 1.09 -2.24
CA TRP A 2 9.60 1.50 -1.01
C TRP A 2 8.21 0.89 -0.95
N CYS A 3 7.82 0.41 0.18
CA CYS A 3 6.52 -0.19 0.33
C CYS A 3 5.82 0.44 1.53
N PHE A 4 4.54 0.76 1.37
CA PHE A 4 3.79 1.35 2.45
C PHE A 4 2.34 0.89 2.39
N ARG A 5 1.59 1.16 3.43
CA ARG A 5 0.22 0.72 3.53
C ARG A 5 -0.71 1.67 2.80
N VAL A 6 -1.38 1.15 1.81
CA VAL A 6 -2.34 1.89 1.06
C VAL A 6 -3.72 1.35 1.39
N CYS A 7 -4.58 2.21 1.84
CA CYS A 7 -5.91 1.79 2.20
C CYS A 7 -6.94 2.34 1.23
N TYR A 8 -7.71 1.44 0.68
CA TYR A 8 -8.77 1.77 -0.23
C TYR A 8 -10.04 1.07 0.22
N ARG A 9 -11.02 1.84 0.67
CA ARG A 9 -12.34 1.33 1.14
C ARG A 9 -12.18 0.46 2.40
N GLY A 10 -11.08 0.62 3.09
CA GLY A 10 -10.81 -0.20 4.25
C GLY A 10 -9.86 -1.32 3.91
N ILE A 11 -9.71 -1.57 2.63
CA ILE A 11 -8.84 -2.60 2.12
C ILE A 11 -7.43 -2.04 2.12
N CYS A 12 -6.65 -2.47 3.04
CA CYS A 12 -5.31 -1.99 3.16
C CYS A 12 -4.33 -3.02 2.65
N TYR A 13 -3.52 -2.62 1.73
CA TYR A 13 -2.54 -3.47 1.14
C TYR A 13 -1.23 -2.74 1.10
N ARG A 14 -0.15 -3.48 1.14
CA ARG A 14 1.14 -2.87 1.09
C ARG A 14 1.52 -2.69 -0.36
N LYS A 15 1.41 -1.49 -0.84
CA LYS A 15 1.74 -1.21 -2.20
C LYS A 15 3.18 -0.78 -2.25
N CYS A 16 3.89 -1.24 -3.23
CA CYS A 16 5.27 -0.91 -3.37
C CYS A 16 5.49 0.00 -4.55
N ARG A 17 6.29 1.02 -4.33
CA ARG A 17 6.66 1.97 -5.35
C ARG A 17 8.16 1.93 -5.45
N GLY A 18 8.66 1.32 -6.49
CA GLY A 18 10.08 1.18 -6.66
C GLY A 18 10.65 0.20 -5.65
N LYS A 1 11.29 0.84 -4.65
CA LYS A 1 11.94 0.34 -3.47
C LYS A 1 11.12 0.57 -2.20
N TRP A 2 10.20 1.50 -2.26
CA TRP A 2 9.48 1.87 -1.07
C TRP A 2 8.17 1.11 -0.99
N CYS A 3 7.99 0.40 0.07
CA CYS A 3 6.76 -0.29 0.29
C CYS A 3 6.03 0.37 1.43
N PHE A 4 4.81 0.73 1.19
CA PHE A 4 3.99 1.42 2.15
C PHE A 4 2.60 0.82 2.17
N ARG A 5 1.83 1.21 3.12
CA ARG A 5 0.51 0.66 3.26
C ARG A 5 -0.50 1.63 2.69
N VAL A 6 -1.36 1.12 1.84
CA VAL A 6 -2.41 1.91 1.25
C VAL A 6 -3.72 1.30 1.66
N CYS A 7 -4.60 2.12 2.13
CA CYS A 7 -5.92 1.67 2.46
C CYS A 7 -6.89 2.24 1.47
N TYR A 8 -7.55 1.36 0.79
CA TYR A 8 -8.50 1.70 -0.22
C TYR A 8 -9.86 1.14 0.13
N ARG A 9 -10.74 2.01 0.59
CA ARG A 9 -12.14 1.69 0.91
C ARG A 9 -12.21 0.64 2.04
N GLY A 10 -11.23 0.67 2.91
CA GLY A 10 -11.17 -0.24 4.04
C GLY A 10 -10.24 -1.41 3.79
N ILE A 11 -9.78 -1.54 2.57
CA ILE A 11 -8.88 -2.59 2.18
C ILE A 11 -7.46 -2.06 2.25
N CYS A 12 -6.72 -2.51 3.21
CA CYS A 12 -5.36 -2.06 3.35
C CYS A 12 -4.43 -3.09 2.76
N TYR A 13 -3.54 -2.64 1.91
CA TYR A 13 -2.61 -3.51 1.27
C TYR A 13 -1.25 -2.87 1.21
N ARG A 14 -0.28 -3.68 0.95
CA ARG A 14 1.07 -3.26 0.82
C ARG A 14 1.31 -2.84 -0.62
N LYS A 15 1.41 -1.57 -0.82
CA LYS A 15 1.74 -1.06 -2.12
C LYS A 15 3.21 -0.73 -2.16
N CYS A 16 3.88 -1.22 -3.13
CA CYS A 16 5.27 -0.96 -3.30
C CYS A 16 5.50 -0.07 -4.50
N ARG A 17 6.15 1.03 -4.26
CA ARG A 17 6.51 1.97 -5.27
C ARG A 17 8.01 1.88 -5.44
N GLY A 18 8.43 1.03 -6.34
CA GLY A 18 9.82 0.78 -6.54
C GLY A 18 10.44 0.12 -5.35
N LYS A 1 11.41 0.68 -4.34
CA LYS A 1 11.92 -0.16 -3.27
C LYS A 1 11.14 0.12 -2.00
N TRP A 2 10.25 1.08 -2.06
CA TRP A 2 9.58 1.51 -0.87
C TRP A 2 8.19 0.93 -0.83
N CYS A 3 7.86 0.30 0.25
CA CYS A 3 6.56 -0.27 0.44
C CYS A 3 5.79 0.50 1.47
N PHE A 4 4.60 0.90 1.12
CA PHE A 4 3.74 1.67 1.98
C PHE A 4 2.34 1.08 1.99
N ARG A 5 1.57 1.43 2.98
CA ARG A 5 0.24 0.91 3.11
C ARG A 5 -0.76 1.84 2.46
N VAL A 6 -1.55 1.29 1.58
CA VAL A 6 -2.59 2.04 0.95
C VAL A 6 -3.90 1.42 1.38
N CYS A 7 -4.75 2.21 1.96
CA CYS A 7 -6.03 1.73 2.38
C CYS A 7 -7.10 2.31 1.50
N TYR A 8 -7.82 1.44 0.86
CA TYR A 8 -8.91 1.81 0.00
C TYR A 8 -10.14 1.09 0.47
N ARG A 9 -11.09 1.82 1.02
CA ARG A 9 -12.36 1.27 1.53
C ARG A 9 -12.15 0.30 2.69
N GLY A 10 -11.06 0.49 3.39
CA GLY A 10 -10.73 -0.39 4.50
C GLY A 10 -9.82 -1.51 4.06
N ILE A 11 -9.71 -1.67 2.77
CA ILE A 11 -8.88 -2.68 2.18
C ILE A 11 -7.48 -2.11 2.12
N CYS A 12 -6.67 -2.51 3.04
CA CYS A 12 -5.32 -2.03 3.11
C CYS A 12 -4.40 -3.00 2.46
N TYR A 13 -3.65 -2.52 1.51
CA TYR A 13 -2.72 -3.32 0.82
C TYR A 13 -1.39 -2.62 0.84
N ARG A 14 -0.34 -3.39 0.84
CA ARG A 14 0.97 -2.85 0.84
C ARG A 14 1.43 -2.64 -0.58
N LYS A 15 1.34 -1.43 -1.01
CA LYS A 15 1.76 -1.05 -2.32
C LYS A 15 3.23 -0.71 -2.27
N CYS A 16 3.95 -1.21 -3.20
CA CYS A 16 5.35 -0.94 -3.27
C CYS A 16 5.67 -0.18 -4.54
N ARG A 17 6.49 0.82 -4.42
CA ARG A 17 6.90 1.60 -5.53
C ARG A 17 8.41 1.72 -5.48
N GLY A 18 9.08 1.16 -6.45
CA GLY A 18 10.52 1.19 -6.49
C GLY A 18 11.09 0.21 -5.50
N LYS A 1 10.97 0.42 -4.80
CA LYS A 1 11.52 -0.40 -3.72
C LYS A 1 10.96 0.05 -2.39
N TRP A 2 10.09 1.02 -2.41
CA TRP A 2 9.54 1.57 -1.20
C TRP A 2 8.14 1.05 -0.99
N CYS A 3 7.92 0.37 0.08
CA CYS A 3 6.63 -0.19 0.36
C CYS A 3 5.96 0.55 1.51
N PHE A 4 4.69 0.83 1.35
CA PHE A 4 3.91 1.53 2.35
C PHE A 4 2.46 1.05 2.32
N ARG A 5 1.77 1.18 3.43
CA ARG A 5 0.40 0.70 3.55
C ARG A 5 -0.58 1.73 2.99
N VAL A 6 -1.37 1.29 2.06
CA VAL A 6 -2.39 2.09 1.43
C VAL A 6 -3.72 1.50 1.80
N CYS A 7 -4.60 2.29 2.33
CA CYS A 7 -5.92 1.84 2.66
C CYS A 7 -6.91 2.49 1.74
N TYR A 8 -7.59 1.67 1.00
CA TYR A 8 -8.54 2.11 0.04
C TYR A 8 -9.82 1.32 0.19
N ARG A 9 -10.87 1.97 0.67
CA ARG A 9 -12.21 1.33 0.83
C ARG A 9 -12.18 0.16 1.82
N GLY A 10 -11.24 0.19 2.73
CA GLY A 10 -11.10 -0.86 3.70
C GLY A 10 -10.00 -1.82 3.31
N ILE A 11 -9.59 -1.74 2.07
CA ILE A 11 -8.57 -2.60 1.54
C ILE A 11 -7.23 -1.98 1.87
N CYS A 12 -6.59 -2.51 2.86
CA CYS A 12 -5.29 -2.03 3.23
C CYS A 12 -4.25 -2.98 2.74
N TYR A 13 -3.48 -2.52 1.81
CA TYR A 13 -2.45 -3.32 1.22
C TYR A 13 -1.17 -2.57 1.27
N ARG A 14 -0.08 -3.26 1.26
CA ARG A 14 1.20 -2.64 1.26
C ARG A 14 1.65 -2.50 -0.17
N LYS A 15 1.46 -1.32 -0.69
CA LYS A 15 1.84 -1.03 -2.04
C LYS A 15 3.31 -0.71 -2.08
N CYS A 16 3.97 -1.24 -3.04
CA CYS A 16 5.34 -0.99 -3.23
C CYS A 16 5.55 -0.15 -4.45
N ARG A 17 6.09 1.01 -4.25
CA ARG A 17 6.40 1.94 -5.28
C ARG A 17 7.90 1.85 -5.49
N GLY A 18 8.29 1.16 -6.52
CA GLY A 18 9.68 0.91 -6.75
C GLY A 18 10.18 -0.06 -5.71
N LYS A 1 10.72 0.98 -4.66
CA LYS A 1 11.21 0.23 -3.54
C LYS A 1 10.53 0.68 -2.25
N TRP A 2 9.67 1.68 -2.38
CA TRP A 2 8.96 2.22 -1.24
C TRP A 2 7.74 1.37 -0.99
N CYS A 3 7.72 0.70 0.11
CA CYS A 3 6.60 -0.12 0.48
C CYS A 3 5.89 0.53 1.63
N PHE A 4 4.61 0.71 1.50
CA PHE A 4 3.84 1.32 2.55
C PHE A 4 2.45 0.75 2.56
N ARG A 5 1.75 0.99 3.66
CA ARG A 5 0.41 0.56 3.81
C ARG A 5 -0.52 1.50 3.08
N VAL A 6 -1.27 0.97 2.19
CA VAL A 6 -2.22 1.74 1.43
C VAL A 6 -3.58 1.22 1.77
N CYS A 7 -4.44 2.06 2.26
CA CYS A 7 -5.78 1.66 2.53
C CYS A 7 -6.69 2.34 1.55
N TYR A 8 -7.37 1.55 0.79
CA TYR A 8 -8.25 1.99 -0.24
C TYR A 8 -9.59 1.33 -0.01
N ARG A 9 -10.61 2.12 0.31
CA ARG A 9 -11.97 1.61 0.61
C ARG A 9 -11.96 0.74 1.88
N GLY A 10 -10.93 0.90 2.69
CA GLY A 10 -10.78 0.09 3.88
C GLY A 10 -9.92 -1.13 3.60
N ILE A 11 -9.63 -1.35 2.35
CA ILE A 11 -8.82 -2.46 1.92
C ILE A 11 -7.37 -2.02 2.01
N CYS A 12 -6.66 -2.56 2.93
CA CYS A 12 -5.30 -2.18 3.13
C CYS A 12 -4.39 -3.21 2.52
N TYR A 13 -3.45 -2.74 1.74
CA TYR A 13 -2.51 -3.58 1.09
C TYR A 13 -1.16 -2.92 1.11
N ARG A 14 -0.13 -3.70 1.11
CA ARG A 14 1.21 -3.20 1.07
C ARG A 14 1.61 -3.01 -0.36
N LYS A 15 1.61 -1.78 -0.78
CA LYS A 15 2.02 -1.47 -2.11
C LYS A 15 3.47 -1.05 -2.08
N CYS A 16 4.23 -1.63 -2.95
CA CYS A 16 5.59 -1.28 -3.11
C CYS A 16 5.74 -0.56 -4.43
N ARG A 17 5.99 0.71 -4.33
CA ARG A 17 6.13 1.57 -5.47
C ARG A 17 7.61 1.86 -5.63
N GLY A 18 8.21 1.23 -6.61
CA GLY A 18 9.63 1.30 -6.77
C GLY A 18 10.26 0.40 -5.73
N LYS A 1 11.07 0.86 -4.61
CA LYS A 1 11.74 0.04 -3.63
C LYS A 1 11.21 0.39 -2.24
N TRP A 2 10.14 1.15 -2.22
CA TRP A 2 9.54 1.57 -0.97
C TRP A 2 8.16 0.94 -0.87
N CYS A 3 7.87 0.34 0.25
CA CYS A 3 6.57 -0.25 0.44
C CYS A 3 5.85 0.45 1.56
N PHE A 4 4.60 0.74 1.35
CA PHE A 4 3.82 1.40 2.35
C PHE A 4 2.39 0.93 2.28
N ARG A 5 1.65 1.21 3.33
CA ARG A 5 0.30 0.79 3.42
C ARG A 5 -0.59 1.75 2.66
N VAL A 6 -1.38 1.20 1.79
CA VAL A 6 -2.34 1.95 1.04
C VAL A 6 -3.71 1.37 1.34
N CYS A 7 -4.62 2.19 1.74
CA CYS A 7 -5.95 1.73 2.06
C CYS A 7 -6.96 2.26 1.06
N TYR A 8 -7.74 1.37 0.55
CA TYR A 8 -8.81 1.69 -0.35
C TYR A 8 -10.10 1.17 0.23
N ARG A 9 -10.90 2.06 0.80
CA ARG A 9 -12.21 1.74 1.40
C ARG A 9 -12.09 0.64 2.46
N GLY A 10 -11.01 0.66 3.21
CA GLY A 10 -10.79 -0.30 4.25
C GLY A 10 -9.85 -1.41 3.83
N ILE A 11 -9.73 -1.59 2.54
CA ILE A 11 -8.86 -2.59 1.98
C ILE A 11 -7.45 -2.04 2.00
N CYS A 12 -6.69 -2.45 2.97
CA CYS A 12 -5.34 -1.99 3.11
C CYS A 12 -4.38 -3.03 2.63
N TYR A 13 -3.46 -2.61 1.81
CA TYR A 13 -2.50 -3.50 1.25
C TYR A 13 -1.15 -2.85 1.24
N ARG A 14 -0.13 -3.67 1.14
CA ARG A 14 1.21 -3.21 1.01
C ARG A 14 1.48 -2.90 -0.44
N LYS A 15 1.51 -1.67 -0.77
CA LYS A 15 1.79 -1.29 -2.12
C LYS A 15 3.23 -0.86 -2.17
N CYS A 16 3.94 -1.36 -3.11
CA CYS A 16 5.32 -1.02 -3.23
C CYS A 16 5.53 -0.15 -4.44
N ARG A 17 6.22 0.93 -4.24
CA ARG A 17 6.52 1.86 -5.28
C ARG A 17 8.01 1.94 -5.39
N GLY A 18 8.53 1.38 -6.44
CA GLY A 18 9.95 1.36 -6.67
C GLY A 18 10.65 0.38 -5.76
N LYS A 1 11.01 0.44 -4.62
CA LYS A 1 11.57 -0.31 -3.51
C LYS A 1 10.98 0.14 -2.17
N TRP A 2 10.06 1.08 -2.23
CA TRP A 2 9.46 1.57 -1.02
C TRP A 2 8.05 1.01 -0.93
N CYS A 3 7.79 0.28 0.11
CA CYS A 3 6.49 -0.27 0.32
C CYS A 3 5.84 0.42 1.50
N PHE A 4 4.66 0.90 1.29
CA PHE A 4 3.92 1.60 2.31
C PHE A 4 2.48 1.10 2.31
N ARG A 5 1.78 1.33 3.39
CA ARG A 5 0.44 0.84 3.54
C ARG A 5 -0.56 1.83 2.96
N VAL A 6 -1.35 1.37 2.03
CA VAL A 6 -2.40 2.18 1.44
C VAL A 6 -3.73 1.55 1.76
N CYS A 7 -4.63 2.32 2.28
CA CYS A 7 -5.95 1.85 2.60
C CYS A 7 -6.95 2.43 1.65
N TYR A 8 -7.61 1.58 0.95
CA TYR A 8 -8.58 1.94 -0.04
C TYR A 8 -9.82 1.12 0.18
N ARG A 9 -10.88 1.78 0.63
CA ARG A 9 -12.21 1.16 0.84
C ARG A 9 -12.16 0.07 1.91
N GLY A 10 -11.24 0.21 2.84
CA GLY A 10 -11.08 -0.75 3.90
C GLY A 10 -9.95 -1.70 3.61
N ILE A 11 -9.58 -1.77 2.35
CA ILE A 11 -8.54 -2.62 1.87
C ILE A 11 -7.21 -1.95 2.08
N CYS A 12 -6.50 -2.38 3.06
CA CYS A 12 -5.18 -1.87 3.29
C CYS A 12 -4.19 -2.84 2.72
N TYR A 13 -3.47 -2.41 1.72
CA TYR A 13 -2.55 -3.27 1.05
C TYR A 13 -1.15 -2.70 1.13
N ARG A 14 -0.20 -3.51 0.72
CA ARG A 14 1.16 -3.11 0.70
C ARG A 14 1.48 -2.55 -0.66
N LYS A 15 1.49 -1.26 -0.75
CA LYS A 15 1.80 -0.60 -1.99
C LYS A 15 3.29 -0.45 -2.10
N CYS A 16 3.82 -1.03 -3.10
CA CYS A 16 5.23 -1.00 -3.33
C CYS A 16 5.56 -0.16 -4.54
N ARG A 17 6.15 0.98 -4.30
CA ARG A 17 6.54 1.85 -5.36
C ARG A 17 8.03 1.74 -5.48
N GLY A 18 8.45 0.98 -6.47
CA GLY A 18 9.85 0.73 -6.69
C GLY A 18 10.42 -0.17 -5.61
N LYS A 1 10.81 1.58 -4.73
CA LYS A 1 11.57 0.78 -3.79
C LYS A 1 11.02 0.99 -2.39
N TRP A 2 9.84 1.58 -2.32
CA TRP A 2 9.24 1.91 -1.05
C TRP A 2 7.97 1.08 -0.88
N CYS A 3 7.88 0.38 0.21
CA CYS A 3 6.71 -0.40 0.51
C CYS A 3 5.95 0.25 1.63
N PHE A 4 4.70 0.54 1.38
CA PHE A 4 3.87 1.20 2.34
C PHE A 4 2.47 0.62 2.28
N ARG A 5 1.66 0.98 3.23
CA ARG A 5 0.32 0.51 3.29
C ARG A 5 -0.57 1.41 2.48
N VAL A 6 -1.30 0.82 1.59
CA VAL A 6 -2.25 1.54 0.83
C VAL A 6 -3.62 1.12 1.27
N CYS A 7 -4.39 2.04 1.74
CA CYS A 7 -5.72 1.76 2.14
C CYS A 7 -6.66 2.38 1.17
N TYR A 8 -7.43 1.56 0.57
CA TYR A 8 -8.39 1.96 -0.39
C TYR A 8 -9.74 1.44 0.02
N ARG A 9 -10.58 2.34 0.52
CA ARG A 9 -11.96 2.04 0.96
C ARG A 9 -11.97 1.08 2.16
N GLY A 10 -10.88 1.05 2.89
CA GLY A 10 -10.77 0.13 4.00
C GLY A 10 -9.94 -1.08 3.66
N ILE A 11 -9.66 -1.24 2.39
CA ILE A 11 -8.85 -2.34 1.91
C ILE A 11 -7.40 -1.91 2.01
N CYS A 12 -6.70 -2.44 2.96
CA CYS A 12 -5.34 -2.04 3.20
C CYS A 12 -4.39 -3.15 2.83
N TYR A 13 -3.52 -2.89 1.90
CA TYR A 13 -2.55 -3.85 1.46
C TYR A 13 -1.17 -3.22 1.42
N ARG A 14 -0.14 -4.04 1.43
CA ARG A 14 1.21 -3.54 1.46
C ARG A 14 1.71 -3.39 0.02
N LYS A 15 1.59 -2.21 -0.50
CA LYS A 15 1.95 -1.95 -1.87
C LYS A 15 3.33 -1.33 -1.93
N CYS A 16 4.12 -1.78 -2.84
CA CYS A 16 5.43 -1.28 -3.02
C CYS A 16 5.51 -0.47 -4.30
N ARG A 17 5.89 0.76 -4.15
CA ARG A 17 5.98 1.67 -5.25
C ARG A 17 7.43 2.03 -5.37
N GLY A 18 8.04 1.70 -6.49
CA GLY A 18 9.45 1.96 -6.68
C GLY A 18 10.29 1.05 -5.81
N LYS A 1 11.30 0.11 -4.32
CA LYS A 1 11.63 -0.65 -3.13
C LYS A 1 10.92 -0.07 -1.91
N TRP A 2 10.30 1.07 -2.08
CA TRP A 2 9.59 1.74 -1.02
C TRP A 2 8.22 1.12 -0.91
N CYS A 3 7.95 0.46 0.15
CA CYS A 3 6.66 -0.15 0.33
C CYS A 3 5.91 0.58 1.40
N PHE A 4 4.66 0.81 1.14
CA PHE A 4 3.81 1.55 2.01
C PHE A 4 2.41 0.99 1.95
N ARG A 5 1.65 1.24 2.95
CA ARG A 5 0.33 0.71 3.03
C ARG A 5 -0.67 1.73 2.53
N VAL A 6 -1.46 1.32 1.59
CA VAL A 6 -2.50 2.16 1.03
C VAL A 6 -3.82 1.58 1.44
N CYS A 7 -4.70 2.40 1.93
CA CYS A 7 -5.99 1.94 2.34
C CYS A 7 -7.04 2.44 1.38
N TYR A 8 -7.85 1.52 0.92
CA TYR A 8 -8.92 1.81 0.01
C TYR A 8 -10.13 1.00 0.41
N ARG A 9 -11.13 1.68 0.97
CA ARG A 9 -12.42 1.09 1.37
C ARG A 9 -12.25 0.08 2.51
N GLY A 10 -11.18 0.23 3.26
CA GLY A 10 -10.90 -0.68 4.34
C GLY A 10 -9.87 -1.70 3.94
N ILE A 11 -9.58 -1.75 2.68
CA ILE A 11 -8.61 -2.66 2.15
C ILE A 11 -7.27 -1.96 2.19
N CYS A 12 -6.50 -2.27 3.17
CA CYS A 12 -5.18 -1.72 3.26
C CYS A 12 -4.19 -2.70 2.70
N TYR A 13 -3.55 -2.33 1.65
CA TYR A 13 -2.66 -3.21 0.98
C TYR A 13 -1.28 -2.63 0.92
N ARG A 14 -0.34 -3.47 0.70
CA ARG A 14 1.02 -3.10 0.64
C ARG A 14 1.38 -2.76 -0.79
N LYS A 15 1.40 -1.51 -1.06
CA LYS A 15 1.76 -1.03 -2.37
C LYS A 15 3.24 -0.66 -2.33
N CYS A 16 3.94 -0.98 -3.35
CA CYS A 16 5.34 -0.68 -3.39
C CYS A 16 5.67 0.21 -4.56
N ARG A 17 6.41 1.25 -4.28
CA ARG A 17 6.88 2.18 -5.25
C ARG A 17 8.37 1.94 -5.35
N GLY A 18 8.75 1.08 -6.24
CA GLY A 18 10.11 0.65 -6.32
C GLY A 18 10.40 -0.29 -5.18
N LYS A 1 11.17 0.31 -4.40
CA LYS A 1 11.61 -0.43 -3.23
C LYS A 1 10.96 0.16 -1.97
N TRP A 2 10.10 1.12 -2.16
CA TRP A 2 9.41 1.78 -1.07
C TRP A 2 8.06 1.10 -0.88
N CYS A 3 7.86 0.48 0.25
CA CYS A 3 6.62 -0.21 0.50
C CYS A 3 5.81 0.52 1.55
N PHE A 4 4.64 0.95 1.17
CA PHE A 4 3.76 1.71 2.04
C PHE A 4 2.35 1.12 2.08
N ARG A 5 1.62 1.45 3.10
CA ARG A 5 0.28 0.95 3.28
C ARG A 5 -0.71 1.86 2.59
N VAL A 6 -1.50 1.30 1.75
CA VAL A 6 -2.52 2.02 1.05
C VAL A 6 -3.85 1.46 1.50
N CYS A 7 -4.69 2.30 2.02
CA CYS A 7 -5.99 1.85 2.45
C CYS A 7 -7.05 2.46 1.58
N TYR A 8 -7.88 1.62 1.03
CA TYR A 8 -8.94 2.04 0.17
C TYR A 8 -10.19 1.27 0.53
N ARG A 9 -11.13 1.94 1.20
CA ARG A 9 -12.43 1.37 1.60
C ARG A 9 -12.24 0.21 2.57
N GLY A 10 -11.15 0.22 3.29
CA GLY A 10 -10.88 -0.84 4.22
C GLY A 10 -9.90 -1.83 3.66
N ILE A 11 -9.65 -1.74 2.40
CA ILE A 11 -8.70 -2.59 1.75
C ILE A 11 -7.35 -1.99 1.92
N CYS A 12 -6.62 -2.46 2.86
CA CYS A 12 -5.27 -2.00 3.04
C CYS A 12 -4.31 -3.00 2.46
N TYR A 13 -3.47 -2.53 1.60
CA TYR A 13 -2.49 -3.35 0.96
C TYR A 13 -1.17 -2.65 0.97
N ARG A 14 -0.12 -3.40 0.83
CA ARG A 14 1.18 -2.82 0.83
C ARG A 14 1.61 -2.60 -0.61
N LYS A 15 1.51 -1.39 -1.04
CA LYS A 15 1.93 -1.07 -2.37
C LYS A 15 3.40 -0.68 -2.31
N CYS A 16 4.15 -1.19 -3.21
CA CYS A 16 5.56 -0.92 -3.25
C CYS A 16 5.94 -0.18 -4.51
N ARG A 17 6.31 1.06 -4.35
CA ARG A 17 6.78 1.86 -5.43
C ARG A 17 8.27 1.69 -5.48
N GLY A 18 8.73 0.94 -6.44
CA GLY A 18 10.13 0.63 -6.53
C GLY A 18 10.55 -0.27 -5.40
N LYS A 1 10.78 0.72 -4.67
CA LYS A 1 11.33 0.03 -3.53
C LYS A 1 10.65 0.50 -2.26
N TRP A 2 9.83 1.55 -2.38
CA TRP A 2 9.15 2.12 -1.24
C TRP A 2 7.86 1.36 -1.03
N CYS A 3 7.78 0.62 0.02
CA CYS A 3 6.59 -0.12 0.30
C CYS A 3 5.90 0.51 1.48
N PHE A 4 4.66 0.83 1.31
CA PHE A 4 3.87 1.44 2.33
C PHE A 4 2.48 0.86 2.30
N ARG A 5 1.77 1.05 3.36
CA ARG A 5 0.45 0.52 3.45
C ARG A 5 -0.52 1.50 2.84
N VAL A 6 -1.27 1.03 1.90
CA VAL A 6 -2.28 1.83 1.29
C VAL A 6 -3.61 1.32 1.76
N CYS A 7 -4.38 2.18 2.35
CA CYS A 7 -5.70 1.84 2.74
C CYS A 7 -6.66 2.58 1.86
N TYR A 8 -7.44 1.84 1.14
CA TYR A 8 -8.37 2.37 0.19
C TYR A 8 -9.64 1.53 0.20
N ARG A 9 -10.77 2.15 0.55
CA ARG A 9 -12.10 1.49 0.59
C ARG A 9 -12.12 0.34 1.59
N GLY A 10 -11.28 0.46 2.60
CA GLY A 10 -11.20 -0.54 3.63
C GLY A 10 -10.15 -1.58 3.32
N ILE A 11 -9.60 -1.50 2.14
CA ILE A 11 -8.59 -2.43 1.68
C ILE A 11 -7.23 -1.86 2.02
N CYS A 12 -6.55 -2.48 2.92
CA CYS A 12 -5.23 -2.07 3.24
C CYS A 12 -4.25 -3.07 2.69
N TYR A 13 -3.41 -2.62 1.80
CA TYR A 13 -2.45 -3.48 1.17
C TYR A 13 -1.09 -2.85 1.18
N ARG A 14 -0.09 -3.67 1.25
CA ARG A 14 1.27 -3.23 1.26
C ARG A 14 1.71 -3.00 -0.17
N LYS A 15 1.67 -1.78 -0.59
CA LYS A 15 2.00 -1.40 -1.93
C LYS A 15 3.45 -1.01 -2.03
N CYS A 16 4.12 -1.51 -3.03
CA CYS A 16 5.49 -1.19 -3.27
C CYS A 16 5.63 -0.32 -4.50
N ARG A 17 5.96 0.91 -4.25
CA ARG A 17 6.21 1.88 -5.27
C ARG A 17 7.69 1.90 -5.51
N GLY A 18 8.12 1.09 -6.43
CA GLY A 18 9.52 0.94 -6.68
C GLY A 18 10.12 0.09 -5.60
N LYS A 1 11.34 0.80 -4.35
CA LYS A 1 11.75 -0.05 -3.29
C LYS A 1 10.94 0.21 -2.04
N TRP A 2 10.17 1.28 -2.04
CA TRP A 2 9.43 1.68 -0.87
C TRP A 2 8.10 0.98 -0.87
N CYS A 3 7.82 0.27 0.16
CA CYS A 3 6.55 -0.40 0.29
C CYS A 3 5.75 0.27 1.35
N PHE A 4 4.61 0.76 0.99
CA PHE A 4 3.78 1.49 1.90
C PHE A 4 2.38 0.94 1.90
N ARG A 5 1.63 1.26 2.90
CA ARG A 5 0.32 0.74 3.02
C ARG A 5 -0.68 1.67 2.37
N VAL A 6 -1.46 1.12 1.49
CA VAL A 6 -2.49 1.87 0.82
C VAL A 6 -3.81 1.33 1.31
N CYS A 7 -4.63 2.19 1.82
CA CYS A 7 -5.93 1.79 2.28
C CYS A 7 -7.00 2.33 1.36
N TYR A 8 -7.74 1.44 0.79
CA TYR A 8 -8.78 1.74 -0.13
C TYR A 8 -10.07 1.13 0.36
N ARG A 9 -10.98 1.96 0.86
CA ARG A 9 -12.31 1.56 1.33
C ARG A 9 -12.20 0.56 2.49
N GLY A 10 -11.12 0.65 3.22
CA GLY A 10 -10.86 -0.22 4.33
C GLY A 10 -9.89 -1.33 3.98
N ILE A 11 -9.68 -1.53 2.71
CA ILE A 11 -8.78 -2.55 2.24
C ILE A 11 -7.37 -1.99 2.25
N CYS A 12 -6.56 -2.44 3.16
CA CYS A 12 -5.22 -1.94 3.28
C CYS A 12 -4.22 -2.96 2.77
N TYR A 13 -3.54 -2.61 1.72
CA TYR A 13 -2.60 -3.47 1.10
C TYR A 13 -1.24 -2.80 1.06
N ARG A 14 -0.22 -3.60 1.16
CA ARG A 14 1.13 -3.10 1.08
C ARG A 14 1.53 -3.02 -0.37
N LYS A 15 1.44 -1.85 -0.89
CA LYS A 15 1.75 -1.57 -2.26
C LYS A 15 3.17 -1.00 -2.31
N CYS A 16 3.92 -1.35 -3.31
CA CYS A 16 5.28 -0.91 -3.39
C CYS A 16 5.52 0.04 -4.56
N ARG A 17 6.34 1.03 -4.30
CA ARG A 17 6.75 2.02 -5.26
C ARG A 17 8.25 2.03 -5.29
N GLY A 18 8.82 1.50 -6.34
CA GLY A 18 10.26 1.37 -6.41
C GLY A 18 10.72 0.34 -5.41
N LYS A 1 11.30 0.69 -4.53
CA LYS A 1 11.90 -0.01 -3.42
C LYS A 1 11.23 0.36 -2.11
N TRP A 2 10.23 1.20 -2.15
CA TRP A 2 9.58 1.60 -0.94
C TRP A 2 8.20 0.98 -0.87
N CYS A 3 7.92 0.32 0.19
CA CYS A 3 6.62 -0.28 0.39
C CYS A 3 5.86 0.45 1.47
N PHE A 4 4.66 0.81 1.16
CA PHE A 4 3.81 1.55 2.05
C PHE A 4 2.43 0.93 2.08
N ARG A 5 1.62 1.32 3.01
CA ARG A 5 0.31 0.76 3.13
C ARG A 5 -0.72 1.71 2.57
N VAL A 6 -1.48 1.23 1.63
CA VAL A 6 -2.53 1.99 1.03
C VAL A 6 -3.84 1.43 1.50
N CYS A 7 -4.68 2.27 2.03
CA CYS A 7 -5.97 1.84 2.45
C CYS A 7 -7.03 2.40 1.54
N TYR A 8 -7.74 1.51 0.92
CA TYR A 8 -8.78 1.84 -0.02
C TYR A 8 -10.05 1.14 0.37
N ARG A 9 -11.03 1.91 0.83
CA ARG A 9 -12.36 1.43 1.20
C ARG A 9 -12.31 0.39 2.34
N GLY A 10 -11.28 0.48 3.14
CA GLY A 10 -11.11 -0.45 4.24
C GLY A 10 -10.15 -1.56 3.91
N ILE A 11 -9.75 -1.60 2.66
CA ILE A 11 -8.81 -2.59 2.18
C ILE A 11 -7.42 -1.98 2.24
N CYS A 12 -6.61 -2.47 3.12
CA CYS A 12 -5.27 -1.98 3.24
C CYS A 12 -4.30 -2.98 2.64
N TYR A 13 -3.55 -2.51 1.67
CA TYR A 13 -2.62 -3.37 0.98
C TYR A 13 -1.25 -2.75 0.98
N ARG A 14 -0.25 -3.58 0.91
CA ARG A 14 1.12 -3.15 0.95
C ARG A 14 1.57 -2.88 -0.47
N LYS A 15 1.47 -1.65 -0.86
CA LYS A 15 1.82 -1.23 -2.19
C LYS A 15 3.28 -0.82 -2.20
N CYS A 16 3.98 -1.15 -3.24
CA CYS A 16 5.39 -0.85 -3.31
C CYS A 16 5.70 -0.03 -4.53
N ARG A 17 6.35 1.09 -4.32
CA ARG A 17 6.76 1.95 -5.38
C ARG A 17 8.27 1.88 -5.47
N GLY A 18 8.74 1.11 -6.43
CA GLY A 18 10.15 0.93 -6.63
C GLY A 18 10.75 0.06 -5.54
N LYS A 1 11.17 0.92 -4.73
CA LYS A 1 11.89 0.38 -3.58
C LYS A 1 11.24 0.83 -2.27
N TRP A 2 10.07 1.41 -2.37
CA TRP A 2 9.36 1.90 -1.23
C TRP A 2 8.04 1.16 -1.07
N CYS A 3 7.94 0.38 -0.04
CA CYS A 3 6.73 -0.35 0.23
C CYS A 3 6.06 0.25 1.44
N PHE A 4 4.81 0.59 1.30
CA PHE A 4 4.04 1.21 2.35
C PHE A 4 2.63 0.69 2.27
N ARG A 5 1.86 0.92 3.30
CA ARG A 5 0.52 0.43 3.32
C ARG A 5 -0.44 1.48 2.79
N VAL A 6 -1.32 1.06 1.93
CA VAL A 6 -2.34 1.90 1.38
C VAL A 6 -3.67 1.29 1.76
N CYS A 7 -4.58 2.08 2.23
CA CYS A 7 -5.90 1.62 2.50
C CYS A 7 -6.83 2.20 1.49
N TYR A 8 -7.45 1.35 0.74
CA TYR A 8 -8.35 1.72 -0.31
C TYR A 8 -9.71 1.14 -0.02
N ARG A 9 -10.67 2.01 0.29
CA ARG A 9 -12.06 1.62 0.60
C ARG A 9 -12.11 0.70 1.82
N GLY A 10 -11.15 0.83 2.70
CA GLY A 10 -11.07 -0.02 3.88
C GLY A 10 -10.13 -1.20 3.69
N ILE A 11 -9.75 -1.43 2.44
CA ILE A 11 -8.87 -2.54 2.09
C ILE A 11 -7.44 -2.05 2.20
N CYS A 12 -6.76 -2.48 3.21
CA CYS A 12 -5.39 -2.07 3.40
C CYS A 12 -4.44 -3.10 2.84
N TYR A 13 -3.51 -2.65 2.04
CA TYR A 13 -2.57 -3.53 1.39
C TYR A 13 -1.22 -2.87 1.31
N ARG A 14 -0.18 -3.66 1.22
CA ARG A 14 1.16 -3.13 1.12
C ARG A 14 1.48 -2.85 -0.34
N LYS A 15 1.41 -1.62 -0.71
CA LYS A 15 1.73 -1.21 -2.05
C LYS A 15 3.19 -0.81 -2.12
N CYS A 16 3.86 -1.26 -3.13
CA CYS A 16 5.24 -0.93 -3.32
C CYS A 16 5.37 -0.02 -4.50
N ARG A 17 5.99 1.11 -4.27
CA ARG A 17 6.30 2.04 -5.30
C ARG A 17 7.79 1.99 -5.47
N GLY A 18 8.23 1.11 -6.34
CA GLY A 18 9.62 0.90 -6.55
C GLY A 18 10.27 0.23 -5.37
N LYS A 1 11.13 0.12 -4.30
CA LYS A 1 11.44 -0.54 -3.05
C LYS A 1 10.80 0.21 -1.88
N TRP A 2 10.05 1.24 -2.19
CA TRP A 2 9.38 2.01 -1.17
C TRP A 2 8.01 1.40 -0.99
N CYS A 3 7.83 0.69 0.07
CA CYS A 3 6.58 0.02 0.30
C CYS A 3 5.83 0.69 1.42
N PHE A 4 4.63 1.08 1.12
CA PHE A 4 3.80 1.79 2.05
C PHE A 4 2.41 1.17 2.08
N ARG A 5 1.73 1.28 3.19
CA ARG A 5 0.42 0.71 3.32
C ARG A 5 -0.60 1.66 2.75
N VAL A 6 -1.39 1.18 1.86
CA VAL A 6 -2.42 1.96 1.26
C VAL A 6 -3.74 1.37 1.68
N CYS A 7 -4.61 2.16 2.22
CA CYS A 7 -5.91 1.70 2.57
C CYS A 7 -6.92 2.30 1.65
N TYR A 8 -7.62 1.45 0.95
CA TYR A 8 -8.62 1.86 0.02
C TYR A 8 -9.93 1.21 0.39
N ARG A 9 -10.80 2.00 1.00
CA ARG A 9 -12.16 1.58 1.35
C ARG A 9 -12.16 0.40 2.31
N GLY A 10 -11.14 0.36 3.16
CA GLY A 10 -11.03 -0.69 4.16
C GLY A 10 -10.11 -1.79 3.71
N ILE A 11 -9.69 -1.71 2.48
CA ILE A 11 -8.79 -2.67 1.90
C ILE A 11 -7.39 -2.11 2.01
N CYS A 12 -6.65 -2.56 2.95
CA CYS A 12 -5.30 -2.11 3.13
C CYS A 12 -4.35 -3.07 2.46
N TYR A 13 -3.53 -2.56 1.60
CA TYR A 13 -2.58 -3.34 0.89
C TYR A 13 -1.25 -2.64 0.92
N ARG A 14 -0.19 -3.38 0.83
CA ARG A 14 1.11 -2.79 0.86
C ARG A 14 1.55 -2.57 -0.56
N LYS A 15 1.45 -1.37 -1.00
CA LYS A 15 1.84 -1.04 -2.35
C LYS A 15 3.31 -0.66 -2.35
N CYS A 16 4.04 -1.12 -3.33
CA CYS A 16 5.45 -0.84 -3.40
C CYS A 16 5.81 -0.03 -4.61
N ARG A 17 6.29 1.16 -4.39
CA ARG A 17 6.79 1.98 -5.44
C ARG A 17 8.27 1.74 -5.51
N GLY A 18 8.65 0.83 -6.37
CA GLY A 18 10.01 0.39 -6.40
C GLY A 18 10.29 -0.41 -5.16
N LYS A 1 11.34 1.19 -4.50
CA LYS A 1 12.04 0.99 -3.25
C LYS A 1 11.10 1.25 -2.08
N TRP A 2 10.01 1.90 -2.33
CA TRP A 2 9.15 2.32 -1.26
C TRP A 2 7.95 1.41 -1.17
N CYS A 3 7.78 0.78 -0.04
CA CYS A 3 6.64 -0.03 0.26
C CYS A 3 5.89 0.62 1.38
N PHE A 4 4.62 0.81 1.21
CA PHE A 4 3.83 1.46 2.21
C PHE A 4 2.46 0.82 2.26
N ARG A 5 1.70 1.18 3.25
CA ARG A 5 0.40 0.63 3.40
C ARG A 5 -0.59 1.55 2.73
N VAL A 6 -1.44 0.99 1.93
CA VAL A 6 -2.46 1.74 1.27
C VAL A 6 -3.80 1.24 1.75
N CYS A 7 -4.52 2.09 2.40
CA CYS A 7 -5.84 1.75 2.83
C CYS A 7 -6.83 2.54 2.01
N TYR A 8 -7.66 1.82 1.32
CA TYR A 8 -8.63 2.40 0.44
C TYR A 8 -9.93 1.62 0.52
N ARG A 9 -10.97 2.26 1.04
CA ARG A 9 -12.33 1.68 1.16
C ARG A 9 -12.37 0.51 2.14
N GLY A 10 -11.37 0.46 3.00
CA GLY A 10 -11.25 -0.60 3.95
C GLY A 10 -10.24 -1.63 3.50
N ILE A 11 -9.81 -1.51 2.27
CA ILE A 11 -8.88 -2.42 1.67
C ILE A 11 -7.49 -1.90 1.95
N CYS A 12 -6.81 -2.52 2.84
CA CYS A 12 -5.45 -2.15 3.13
C CYS A 12 -4.50 -3.15 2.53
N TYR A 13 -3.60 -2.68 1.71
CA TYR A 13 -2.67 -3.53 1.05
C TYR A 13 -1.29 -2.91 1.07
N ARG A 14 -0.30 -3.72 0.96
CA ARG A 14 1.06 -3.28 0.96
C ARG A 14 1.47 -2.99 -0.48
N LYS A 15 1.46 -1.75 -0.84
CA LYS A 15 1.87 -1.37 -2.17
C LYS A 15 3.34 -1.02 -2.19
N CYS A 16 4.04 -1.57 -3.13
CA CYS A 16 5.44 -1.30 -3.31
C CYS A 16 5.66 -0.60 -4.62
N ARG A 17 6.44 0.45 -4.58
CA ARG A 17 6.77 1.21 -5.75
C ARG A 17 8.27 1.38 -5.79
N GLY A 18 8.95 0.48 -6.47
CA GLY A 18 10.38 0.56 -6.61
C GLY A 18 11.10 0.20 -5.34
N LYS A 1 11.27 0.89 -4.56
CA LYS A 1 11.86 0.24 -3.42
C LYS A 1 11.06 0.51 -2.17
N TRP A 2 10.13 1.44 -2.26
CA TRP A 2 9.40 1.86 -1.10
C TRP A 2 8.12 1.07 -0.98
N CYS A 3 7.92 0.46 0.13
CA CYS A 3 6.72 -0.28 0.38
C CYS A 3 5.96 0.38 1.50
N PHE A 4 4.71 0.66 1.25
CA PHE A 4 3.88 1.34 2.19
C PHE A 4 2.49 0.77 2.14
N ARG A 5 1.68 1.06 3.11
CA ARG A 5 0.36 0.50 3.13
C ARG A 5 -0.65 1.53 2.69
N VAL A 6 -1.41 1.18 1.70
CA VAL A 6 -2.43 2.03 1.18
C VAL A 6 -3.77 1.46 1.62
N CYS A 7 -4.64 2.30 2.11
CA CYS A 7 -5.96 1.84 2.50
C CYS A 7 -6.99 2.43 1.57
N TYR A 8 -7.69 1.58 0.90
CA TYR A 8 -8.68 1.96 -0.07
C TYR A 8 -9.96 1.23 0.24
N ARG A 9 -10.99 1.95 0.69
CA ARG A 9 -12.32 1.40 1.02
C ARG A 9 -12.23 0.40 2.19
N GLY A 10 -11.19 0.56 3.01
CA GLY A 10 -11.00 -0.33 4.12
C GLY A 10 -10.02 -1.43 3.80
N ILE A 11 -9.72 -1.55 2.53
CA ILE A 11 -8.80 -2.54 2.04
C ILE A 11 -7.41 -1.98 2.15
N CYS A 12 -6.66 -2.46 3.09
CA CYS A 12 -5.32 -2.00 3.27
C CYS A 12 -4.36 -3.01 2.67
N TYR A 13 -3.53 -2.55 1.79
CA TYR A 13 -2.62 -3.40 1.08
C TYR A 13 -1.26 -2.76 1.05
N ARG A 14 -0.24 -3.57 1.11
CA ARG A 14 1.10 -3.08 1.08
C ARG A 14 1.50 -2.89 -0.36
N LYS A 15 1.45 -1.67 -0.79
CA LYS A 15 1.78 -1.33 -2.13
C LYS A 15 3.24 -0.91 -2.17
N CYS A 16 3.93 -1.35 -3.17
CA CYS A 16 5.31 -1.00 -3.29
C CYS A 16 5.54 -0.16 -4.53
N ARG A 17 6.27 0.90 -4.36
CA ARG A 17 6.62 1.79 -5.42
C ARG A 17 8.13 1.84 -5.50
N GLY A 18 8.67 1.13 -6.46
CA GLY A 18 10.08 1.05 -6.63
C GLY A 18 10.72 0.23 -5.54
N LYS A 1 10.49 1.89 -4.89
CA LYS A 1 11.42 1.56 -3.85
C LYS A 1 10.75 1.54 -2.49
N TRP A 2 9.53 2.00 -2.42
CA TRP A 2 8.89 2.12 -1.14
C TRP A 2 7.74 1.15 -1.03
N CYS A 3 7.69 0.46 0.06
CA CYS A 3 6.61 -0.44 0.37
C CYS A 3 5.94 0.06 1.61
N PHE A 4 4.67 0.36 1.49
CA PHE A 4 3.95 0.90 2.60
C PHE A 4 2.53 0.40 2.56
N ARG A 5 1.84 0.53 3.66
CA ARG A 5 0.48 0.12 3.73
C ARG A 5 -0.39 1.18 3.12
N VAL A 6 -1.10 0.79 2.14
CA VAL A 6 -2.01 1.65 1.44
C VAL A 6 -3.39 1.21 1.79
N CYS A 7 -4.21 2.13 2.18
CA CYS A 7 -5.58 1.82 2.43
C CYS A 7 -6.41 2.45 1.36
N TYR A 8 -7.09 1.63 0.64
CA TYR A 8 -7.90 2.05 -0.46
C TYR A 8 -9.31 1.52 -0.27
N ARG A 9 -10.21 2.40 0.14
CA ARG A 9 -11.64 2.08 0.33
C ARG A 9 -11.82 1.00 1.42
N GLY A 10 -10.91 0.99 2.36
CA GLY A 10 -10.97 0.01 3.44
C GLY A 10 -10.03 -1.13 3.20
N ILE A 11 -9.57 -1.26 1.99
CA ILE A 11 -8.66 -2.31 1.63
C ILE A 11 -7.25 -1.86 1.96
N CYS A 12 -6.70 -2.36 3.01
CA CYS A 12 -5.36 -2.01 3.40
C CYS A 12 -4.41 -3.11 3.01
N TYR A 13 -3.45 -2.78 2.21
CA TYR A 13 -2.51 -3.73 1.70
C TYR A 13 -1.14 -3.12 1.63
N ARG A 14 -0.13 -3.94 1.68
CA ARG A 14 1.22 -3.47 1.58
C ARG A 14 1.57 -3.35 0.13
N LYS A 15 1.56 -2.16 -0.35
CA LYS A 15 1.82 -1.89 -1.73
C LYS A 15 3.22 -1.34 -1.88
N CYS A 16 3.92 -1.83 -2.86
CA CYS A 16 5.24 -1.37 -3.15
C CYS A 16 5.19 -0.59 -4.42
N ARG A 17 5.73 0.58 -4.37
CA ARG A 17 5.78 1.43 -5.50
C ARG A 17 7.20 1.87 -5.68
N GLY A 18 7.87 1.25 -6.61
CA GLY A 18 9.24 1.56 -6.89
C GLY A 18 10.17 1.04 -5.83
#